data_7ZPE
#
_entry.id   7ZPE
#
_cell.length_a   129.594
_cell.length_b   129.594
_cell.length_c   73.215
_cell.angle_alpha   90.00
_cell.angle_beta   90.00
_cell.angle_gamma   90.00
#
_symmetry.space_group_name_H-M   'P 42 21 2'
#
loop_
_entity.id
_entity.type
_entity.pdbx_description
1 polymer 'Branched-chain alpha-ketoacid dehydrogenase kinase'
2 non-polymer 1,2-ETHANEDIOL
3 non-polymer 2-[(4-chlorophenyl)methylamino]-5-propyl-6~{H}-[1,2,4]triazolo[1,5-a]pyrimidin-7-one
4 water water
#
_entity_poly.entity_id   1
_entity_poly.type   'polypeptide(L)'
_entity_poly.pdbx_seq_one_letter_code
;MATDTHHVEMARERSKTVTSFYNQSAIDAAAEKPSVRLTPTMMLYAGRSQDGSHLLKSARYLQQELPVRIAHRIKGFRCL
PFIIGCNPTILHVHELYIRAFQKLTDFPPIKDQADEAQYCQLVRQLLDDHKDVVTLLAEGLRESRKHIEDEKLVRYFLDK
TLTSRLGIRMLATHHLALHEDKPDFVGIICTRLSPKKIIEKWVDFARRLCEHKYGNAPRVRINGHVAARFPFIPMPLDYI
LPELLKNAMRATMESHLDTPYNVPDVVITIANNDVDLIIRISDRGGGIAHKDLDRVMDYHFTTAEASTQDPRISPLFGHL
DMHSGAQSGPMHGFGFGLPTSRAYAEYLGGSLQLQSLQGIGTDVYLRLRHIDGREESFRIGSHHHHHH
;
_entity_poly.pdbx_strand_id   A
#
# COMPACT_ATOMS: atom_id res chain seq x y z
N VAL A 36 -1.44 -5.52 22.14
CA VAL A 36 -2.09 -5.70 20.84
C VAL A 36 -2.42 -4.36 20.16
N ARG A 37 -1.96 -4.18 18.92
CA ARG A 37 -2.19 -2.95 18.16
C ARG A 37 -3.45 -3.07 17.26
N LEU A 38 -3.95 -1.95 16.74
CA LEU A 38 -5.16 -1.95 15.92
C LEU A 38 -5.06 -0.93 14.78
N THR A 39 -5.78 -1.18 13.65
CA THR A 39 -5.80 -0.23 12.50
C THR A 39 -7.32 -0.05 12.05
N PRO A 40 -7.90 -0.55 10.90
CA PRO A 40 -9.35 -0.34 10.68
C PRO A 40 -10.20 -1.27 11.58
N THR A 41 -10.47 -2.50 11.14
CA THR A 41 -11.16 -3.50 11.96
C THR A 41 -10.25 -4.73 12.18
N MET A 42 -8.92 -4.52 12.18
CA MET A 42 -7.93 -5.57 12.34
C MET A 42 -7.09 -5.38 13.59
N MET A 43 -6.53 -6.48 14.10
CA MET A 43 -5.69 -6.44 15.29
C MET A 43 -4.37 -7.15 15.05
N LEU A 44 -3.26 -6.47 15.33
CA LEU A 44 -1.94 -7.08 15.22
C LEU A 44 -1.44 -7.34 16.65
N TYR A 45 -1.48 -8.62 17.08
CA TYR A 45 -1.10 -9.03 18.43
C TYR A 45 0.35 -8.73 18.81
N ALA A 46 0.52 -7.91 19.87
CA ALA A 46 1.84 -7.50 20.38
C ALA A 46 2.32 -8.26 21.63
N GLY A 47 1.51 -9.21 22.11
CA GLY A 47 1.86 -10.00 23.29
C GLY A 47 2.94 -11.02 23.01
N ARG A 48 3.64 -11.48 24.07
CA ARG A 48 4.72 -12.47 23.96
C ARG A 48 4.57 -13.57 25.01
N SER A 49 5.16 -14.74 24.74
CA SER A 49 5.08 -15.87 25.66
C SER A 49 6.31 -16.74 25.58
N GLN A 50 6.73 -17.32 26.71
CA GLN A 50 7.91 -18.19 26.79
C GLN A 50 7.65 -19.47 26.01
N ASP A 51 6.50 -20.11 26.27
CA ASP A 51 6.11 -21.35 25.60
C ASP A 51 5.54 -21.17 24.18
N GLY A 52 5.60 -19.94 23.65
CA GLY A 52 5.11 -19.66 22.31
C GLY A 52 3.60 -19.74 22.16
N SER A 53 2.86 -19.60 23.27
CA SER A 53 1.39 -19.64 23.24
C SER A 53 0.80 -18.41 22.52
N HIS A 54 1.55 -17.29 22.46
CA HIS A 54 1.14 -16.07 21.77
C HIS A 54 1.06 -16.33 20.26
N LEU A 55 1.95 -17.19 19.72
CA LEU A 55 1.94 -17.56 18.30
C LEU A 55 0.67 -18.29 17.94
N LEU A 56 0.15 -19.14 18.84
CA LEU A 56 -1.07 -19.89 18.59
C LEU A 56 -2.33 -19.04 18.70
N LYS A 57 -2.33 -18.04 19.59
CA LYS A 57 -3.48 -17.17 19.75
C LYS A 57 -3.66 -16.34 18.48
N SER A 58 -2.53 -15.82 17.95
CA SER A 58 -2.39 -15.04 16.73
C SER A 58 -2.72 -15.87 15.48
N ALA A 59 -2.19 -17.12 15.39
CA ALA A 59 -2.41 -18.01 14.25
C ALA A 59 -3.85 -18.47 14.16
N ARG A 60 -4.49 -18.70 15.31
CA ARG A 60 -5.91 -19.09 15.34
C ARG A 60 -6.81 -17.91 14.91
N TYR A 61 -6.40 -16.67 15.21
CA TYR A 61 -7.14 -15.49 14.78
C TYR A 61 -6.99 -15.38 13.26
N LEU A 62 -5.76 -15.48 12.77
CA LEU A 62 -5.41 -15.42 11.35
C LEU A 62 -6.12 -16.51 10.54
N GLN A 63 -6.24 -17.69 11.13
CA GLN A 63 -6.85 -18.87 10.51
C GLN A 63 -8.32 -18.67 10.19
N GLN A 64 -9.03 -17.88 11.00
CA GLN A 64 -10.44 -17.61 10.78
C GLN A 64 -10.71 -16.24 10.12
N GLU A 65 -9.73 -15.33 10.15
CA GLU A 65 -9.91 -14.01 9.56
C GLU A 65 -9.69 -14.06 8.05
N LEU A 66 -8.62 -14.73 7.59
CA LEU A 66 -8.30 -14.83 6.17
C LEU A 66 -9.46 -15.36 5.29
N PRO A 67 -10.15 -16.48 5.63
CA PRO A 67 -11.25 -16.92 4.77
C PRO A 67 -12.40 -15.92 4.72
N VAL A 68 -12.67 -15.22 5.81
CA VAL A 68 -13.72 -14.21 5.84
C VAL A 68 -13.37 -13.04 4.91
N ARG A 69 -12.11 -12.58 4.95
CA ARG A 69 -11.66 -11.50 4.09
C ARG A 69 -11.62 -11.89 2.61
N ILE A 70 -11.23 -13.14 2.33
CA ILE A 70 -11.16 -13.64 0.96
C ILE A 70 -12.56 -13.91 0.39
N ALA A 71 -13.52 -14.31 1.25
CA ALA A 71 -14.89 -14.52 0.79
C ALA A 71 -15.51 -13.18 0.39
N HIS A 72 -15.17 -12.08 1.07
CA HIS A 72 -15.65 -10.75 0.72
C HIS A 72 -15.19 -10.32 -0.66
N ARG A 73 -13.96 -10.70 -1.04
CA ARG A 73 -13.46 -10.40 -2.38
C ARG A 73 -14.16 -11.25 -3.43
N ILE A 74 -14.50 -12.50 -3.10
CA ILE A 74 -15.26 -13.35 -4.02
C ILE A 74 -16.66 -12.77 -4.26
N LYS A 75 -17.28 -12.19 -3.21
CA LYS A 75 -18.58 -11.55 -3.30
C LYS A 75 -18.50 -10.31 -4.22
N GLY A 76 -17.39 -9.57 -4.15
CA GLY A 76 -17.14 -8.42 -5.00
C GLY A 76 -16.97 -8.82 -6.46
N PHE A 77 -16.39 -10.00 -6.72
CA PHE A 77 -16.21 -10.56 -8.06
C PHE A 77 -17.54 -11.06 -8.61
N ARG A 78 -18.38 -11.67 -7.75
CA ARG A 78 -19.70 -12.14 -8.16
C ARG A 78 -20.63 -10.94 -8.50
N CYS A 79 -20.45 -9.82 -7.82
CA CYS A 79 -21.28 -8.64 -8.03
C CYS A 79 -20.77 -7.70 -9.13
N LEU A 80 -19.68 -8.04 -9.81
CA LEU A 80 -19.17 -7.24 -10.93
C LEU A 80 -20.17 -7.35 -12.08
N PRO A 81 -20.36 -6.32 -12.94
CA PRO A 81 -21.29 -6.49 -14.08
C PRO A 81 -20.87 -7.67 -14.94
N PHE A 82 -21.81 -8.47 -15.40
CA PHE A 82 -21.52 -9.68 -16.17
C PHE A 82 -20.43 -9.52 -17.26
N ILE A 83 -20.60 -8.51 -18.12
CA ILE A 83 -19.70 -8.16 -19.23
C ILE A 83 -18.24 -7.95 -18.74
N ILE A 84 -18.06 -7.51 -17.49
CA ILE A 84 -16.73 -7.36 -16.92
C ILE A 84 -16.24 -8.70 -16.33
N GLY A 85 -16.98 -9.26 -15.37
CA GLY A 85 -16.65 -10.50 -14.69
C GLY A 85 -16.33 -11.71 -15.55
N CYS A 86 -16.89 -11.77 -16.77
CA CYS A 86 -16.61 -12.91 -17.65
C CYS A 86 -15.47 -12.64 -18.65
N ASN A 87 -14.66 -11.60 -18.41
CA ASN A 87 -13.47 -11.31 -19.21
C ASN A 87 -12.47 -12.40 -18.83
N PRO A 88 -11.91 -13.13 -19.80
CA PRO A 88 -11.02 -14.26 -19.46
C PRO A 88 -9.93 -13.98 -18.42
N THR A 89 -9.41 -12.76 -18.37
CA THR A 89 -8.36 -12.37 -17.42
C THR A 89 -8.96 -12.12 -16.04
N ILE A 90 -10.08 -11.35 -15.95
CA ILE A 90 -10.79 -11.08 -14.69
C ILE A 90 -11.34 -12.41 -14.11
N LEU A 91 -11.83 -13.30 -14.98
CA LEU A 91 -12.30 -14.60 -14.58
C LEU A 91 -11.15 -15.42 -13.97
N HIS A 92 -9.93 -15.30 -14.53
CA HIS A 92 -8.77 -16.00 -14.00
C HIS A 92 -8.46 -15.54 -12.56
N VAL A 93 -8.47 -14.22 -12.32
CA VAL A 93 -8.24 -13.67 -10.98
C VAL A 93 -9.33 -14.11 -10.00
N HIS A 94 -10.59 -14.18 -10.45
CA HIS A 94 -11.72 -14.65 -9.66
C HIS A 94 -11.46 -16.08 -9.20
N GLU A 95 -11.00 -16.96 -10.12
CA GLU A 95 -10.67 -18.35 -9.82
C GLU A 95 -9.57 -18.47 -8.78
N LEU A 96 -8.56 -17.55 -8.76
CA LEU A 96 -7.48 -17.57 -7.79
C LEU A 96 -8.02 -17.37 -6.39
N TYR A 97 -9.00 -16.50 -6.23
CA TYR A 97 -9.62 -16.20 -4.95
C TYR A 97 -10.43 -17.39 -4.44
N ILE A 98 -11.10 -18.11 -5.34
CA ILE A 98 -11.82 -19.31 -4.98
C ILE A 98 -10.83 -20.41 -4.55
N ARG A 99 -9.68 -20.52 -5.23
CA ARG A 99 -8.66 -21.51 -4.87
C ARG A 99 -8.04 -21.19 -3.50
N ALA A 100 -7.82 -19.90 -3.20
CA ALA A 100 -7.27 -19.45 -1.92
C ALA A 100 -8.25 -19.79 -0.77
N PHE A 101 -9.56 -19.50 -0.94
CA PHE A 101 -10.56 -19.81 0.06
C PHE A 101 -10.68 -21.33 0.26
N GLN A 102 -10.57 -22.11 -0.82
CA GLN A 102 -10.59 -23.55 -0.73
C GLN A 102 -9.39 -24.06 0.07
N LYS A 103 -8.15 -23.73 -0.35
CA LYS A 103 -6.93 -24.12 0.37
C LYS A 103 -6.94 -23.68 1.85
N LEU A 104 -7.48 -22.48 2.17
CA LEU A 104 -7.56 -21.97 3.54
C LEU A 104 -8.62 -22.67 4.39
N THR A 105 -9.86 -22.84 3.87
CA THR A 105 -10.91 -23.51 4.64
C THR A 105 -10.67 -25.01 4.75
N ASP A 106 -9.91 -25.61 3.81
CA ASP A 106 -9.57 -27.03 3.89
C ASP A 106 -8.42 -27.31 4.88
N PHE A 107 -7.84 -26.26 5.50
CA PHE A 107 -6.76 -26.42 6.47
C PHE A 107 -7.40 -26.65 7.84
N PRO A 108 -7.08 -27.79 8.49
CA PRO A 108 -7.71 -28.10 9.78
C PRO A 108 -7.39 -27.10 10.89
N PRO A 109 -8.20 -27.01 11.97
CA PRO A 109 -7.89 -26.02 13.02
C PRO A 109 -6.52 -26.26 13.64
N ILE A 110 -5.85 -25.17 14.00
CA ILE A 110 -4.49 -25.24 14.53
C ILE A 110 -4.47 -25.66 15.98
N LYS A 111 -3.90 -26.85 16.26
CA LYS A 111 -3.81 -27.39 17.61
C LYS A 111 -2.47 -27.12 18.32
N ASP A 112 -1.35 -27.07 17.58
CA ASP A 112 -0.03 -26.92 18.17
C ASP A 112 0.99 -26.18 17.27
N GLN A 113 2.28 -26.08 17.71
CA GLN A 113 3.36 -25.42 16.95
C GLN A 113 3.56 -26.06 15.57
N ALA A 114 3.51 -27.39 15.50
CA ALA A 114 3.67 -28.12 14.25
C ALA A 114 2.61 -27.72 13.22
N ASP A 115 1.35 -27.59 13.66
CA ASP A 115 0.22 -27.19 12.81
C ASP A 115 0.40 -25.75 12.34
N GLU A 116 0.81 -24.87 13.26
CA GLU A 116 1.02 -23.46 12.99
C GLU A 116 2.12 -23.28 11.94
N ALA A 117 3.19 -24.07 12.04
CA ALA A 117 4.30 -24.00 11.10
C ALA A 117 3.85 -24.28 9.67
N GLN A 118 2.99 -25.30 9.48
CA GLN A 118 2.51 -25.63 8.15
C GLN A 118 1.53 -24.61 7.62
N TYR A 119 0.74 -23.99 8.51
CA TYR A 119 -0.18 -22.92 8.15
C TYR A 119 0.59 -21.72 7.58
N CYS A 120 1.81 -21.48 8.08
CA CYS A 120 2.68 -20.42 7.57
C CYS A 120 3.12 -20.70 6.14
N GLN A 121 3.31 -21.97 5.77
CA GLN A 121 3.70 -22.37 4.42
C GLN A 121 2.56 -22.10 3.45
N LEU A 122 1.30 -22.37 3.86
CA LEU A 122 0.11 -22.11 3.05
C LEU A 122 0.01 -20.60 2.81
N VAL A 123 0.10 -19.80 3.87
CA VAL A 123 0.07 -18.34 3.79
C VAL A 123 1.15 -17.78 2.84
N ARG A 124 2.38 -18.31 2.92
CA ARG A 124 3.49 -17.92 2.04
C ARG A 124 3.21 -18.29 0.59
N GLN A 125 2.52 -19.41 0.35
CA GLN A 125 2.15 -19.85 -0.99
C GLN A 125 1.08 -18.92 -1.55
N LEU A 126 0.11 -18.50 -0.73
CA LEU A 126 -0.94 -17.59 -1.20
C LEU A 126 -0.40 -16.24 -1.55
N LEU A 127 0.54 -15.72 -0.73
CA LEU A 127 1.15 -14.44 -1.03
C LEU A 127 1.90 -14.48 -2.39
N ASP A 128 2.44 -15.65 -2.76
CA ASP A 128 3.14 -15.87 -4.02
C ASP A 128 2.19 -16.07 -5.21
N ASP A 129 1.14 -16.88 -5.04
CA ASP A 129 0.17 -17.14 -6.12
C ASP A 129 -0.64 -15.89 -6.54
N HIS A 130 -0.76 -14.93 -5.63
CA HIS A 130 -1.50 -13.70 -5.86
C HIS A 130 -0.56 -12.50 -6.07
N LYS A 131 0.68 -12.72 -6.53
CA LYS A 131 1.63 -11.62 -6.72
C LYS A 131 1.28 -10.73 -7.91
N ASP A 132 0.76 -11.33 -8.98
CA ASP A 132 0.40 -10.60 -10.17
C ASP A 132 -1.11 -10.38 -10.27
N VAL A 133 -1.81 -10.28 -9.12
CA VAL A 133 -3.26 -10.07 -9.11
C VAL A 133 -3.59 -8.67 -9.61
N VAL A 134 -2.86 -7.64 -9.13
CA VAL A 134 -3.11 -6.27 -9.57
C VAL A 134 -2.74 -6.09 -11.06
N THR A 135 -1.67 -6.75 -11.52
CA THR A 135 -1.25 -6.69 -12.91
C THR A 135 -2.32 -7.31 -13.82
N LEU A 136 -2.87 -8.46 -13.42
CA LEU A 136 -3.93 -9.14 -14.16
C LEU A 136 -5.28 -8.39 -14.08
N LEU A 137 -5.51 -7.64 -12.99
CA LEU A 137 -6.74 -6.85 -12.85
C LEU A 137 -6.75 -5.70 -13.84
N ALA A 138 -5.75 -4.80 -13.81
CA ALA A 138 -5.58 -3.68 -14.73
C ALA A 138 -5.58 -4.15 -16.21
N GLU A 139 -5.04 -5.33 -16.48
CA GLU A 139 -4.98 -5.92 -17.82
C GLU A 139 -6.36 -6.47 -18.27
N GLY A 140 -7.18 -6.91 -17.31
CA GLY A 140 -8.51 -7.41 -17.61
C GLY A 140 -9.49 -6.27 -17.79
N LEU A 141 -9.38 -5.25 -16.91
CA LEU A 141 -10.19 -4.04 -16.92
C LEU A 141 -9.89 -3.13 -18.10
N ARG A 142 -8.67 -3.19 -18.63
CA ARG A 142 -8.27 -2.39 -19.79
C ARG A 142 -9.06 -2.89 -21.00
N GLU A 143 -9.18 -4.22 -21.18
CA GLU A 143 -9.93 -4.82 -22.28
C GLU A 143 -11.44 -4.48 -22.17
N SER A 144 -11.95 -4.44 -20.93
CA SER A 144 -13.34 -4.14 -20.58
C SER A 144 -13.69 -2.66 -20.61
N ARG A 145 -12.74 -1.77 -20.94
CA ARG A 145 -12.95 -0.32 -20.98
C ARG A 145 -14.08 0.13 -21.92
N LYS A 146 -14.38 -0.67 -22.95
CA LYS A 146 -15.46 -0.35 -23.88
C LYS A 146 -16.87 -0.53 -23.29
N HIS A 147 -16.97 -1.08 -22.08
CA HIS A 147 -18.24 -1.31 -21.40
C HIS A 147 -18.40 -0.53 -20.07
N ILE A 148 -17.33 0.16 -19.64
CA ILE A 148 -17.31 0.95 -18.42
C ILE A 148 -17.96 2.33 -18.64
N GLU A 149 -19.28 2.38 -18.41
CA GLU A 149 -20.05 3.62 -18.54
C GLU A 149 -19.80 4.53 -17.34
N ASP A 150 -19.67 3.93 -16.14
CA ASP A 150 -19.44 4.65 -14.89
C ASP A 150 -18.03 4.33 -14.37
N GLU A 151 -17.15 5.34 -14.25
CA GLU A 151 -15.79 5.14 -13.75
C GLU A 151 -15.77 4.83 -12.24
N LYS A 152 -16.79 5.25 -11.49
CA LYS A 152 -16.85 4.98 -10.06
C LYS A 152 -16.85 3.47 -9.78
N LEU A 153 -17.47 2.66 -10.64
CA LEU A 153 -17.49 1.21 -10.46
C LEU A 153 -16.07 0.61 -10.42
N VAL A 154 -15.23 0.96 -11.40
CA VAL A 154 -13.84 0.50 -11.51
C VAL A 154 -13.00 1.02 -10.36
N ARG A 155 -13.24 2.28 -9.95
CA ARG A 155 -12.51 2.85 -8.86
C ARG A 155 -12.83 2.12 -7.57
N TYR A 156 -14.12 1.93 -7.24
CA TYR A 156 -14.50 1.25 -6.01
C TYR A 156 -14.11 -0.22 -6.02
N PHE A 157 -14.10 -0.89 -7.19
CA PHE A 157 -13.69 -2.28 -7.25
C PHE A 157 -12.19 -2.39 -6.96
N LEU A 158 -11.39 -1.50 -7.57
CA LEU A 158 -9.95 -1.49 -7.34
C LEU A 158 -9.57 -0.99 -5.94
N ASP A 159 -10.33 -0.06 -5.37
CA ASP A 159 -10.06 0.44 -4.02
C ASP A 159 -10.28 -0.69 -3.01
N LYS A 160 -11.41 -1.41 -3.12
CA LYS A 160 -11.73 -2.52 -2.24
C LYS A 160 -10.78 -3.70 -2.44
N THR A 161 -10.36 -3.96 -3.69
CA THR A 161 -9.47 -5.08 -3.96
C THR A 161 -8.04 -4.81 -3.47
N LEU A 162 -7.49 -3.63 -3.79
CA LEU A 162 -6.15 -3.26 -3.34
C LEU A 162 -6.01 -3.09 -1.85
N THR A 163 -7.04 -2.54 -1.17
CA THR A 163 -6.97 -2.38 0.28
C THR A 163 -7.16 -3.72 1.00
N SER A 164 -7.96 -4.63 0.43
CA SER A 164 -8.16 -5.97 0.96
C SER A 164 -6.82 -6.73 0.97
N ARG A 165 -6.04 -6.66 -0.12
CA ARG A 165 -4.73 -7.31 -0.15
C ARG A 165 -3.76 -6.68 0.83
N LEU A 166 -3.89 -5.36 1.10
CA LEU A 166 -3.03 -4.68 2.04
C LEU A 166 -3.33 -5.24 3.44
N GLY A 167 -4.61 -5.23 3.84
CA GLY A 167 -5.08 -5.78 5.10
C GLY A 167 -4.66 -7.22 5.29
N ILE A 168 -4.84 -8.06 4.26
CA ILE A 168 -4.44 -9.47 4.27
C ILE A 168 -2.91 -9.63 4.37
N ARG A 169 -2.14 -8.86 3.57
CA ARG A 169 -0.67 -8.94 3.63
C ARG A 169 -0.15 -8.48 4.98
N MET A 170 -0.73 -7.43 5.56
CA MET A 170 -0.30 -6.91 6.86
C MET A 170 -0.57 -7.95 7.95
N LEU A 171 -1.77 -8.53 7.95
CA LEU A 171 -2.21 -9.56 8.90
C LEU A 171 -1.30 -10.79 8.81
N ALA A 172 -1.04 -11.28 7.58
CA ALA A 172 -0.21 -12.46 7.34
C ALA A 172 1.26 -12.24 7.67
N THR A 173 1.89 -11.18 7.13
CA THR A 173 3.30 -10.86 7.38
C THR A 173 3.59 -10.50 8.84
N HIS A 174 2.59 -9.97 9.58
CA HIS A 174 2.78 -9.68 11.01
C HIS A 174 2.98 -11.00 11.75
N HIS A 175 2.11 -11.98 11.46
CA HIS A 175 2.19 -13.29 12.07
C HIS A 175 3.51 -13.99 11.72
N LEU A 176 3.91 -13.97 10.44
CA LEU A 176 5.17 -14.56 10.00
C LEU A 176 6.35 -13.92 10.71
N ALA A 177 6.27 -12.59 10.96
CA ALA A 177 7.33 -11.87 11.65
C ALA A 177 7.35 -12.07 13.17
N LEU A 178 6.31 -12.68 13.76
CA LEU A 178 6.31 -12.97 15.20
C LEU A 178 7.31 -14.06 15.57
N HIS A 179 7.71 -14.89 14.60
CA HIS A 179 8.74 -15.91 14.75
C HIS A 179 10.13 -15.27 14.73
N GLU A 180 10.32 -14.19 13.95
CA GLU A 180 11.57 -13.46 13.84
C GLU A 180 11.94 -12.77 15.15
N ASP A 181 13.25 -12.53 15.34
CA ASP A 181 13.77 -11.87 16.54
C ASP A 181 14.44 -10.57 16.09
N LYS A 182 13.67 -9.71 15.43
CA LYS A 182 14.19 -8.46 14.91
C LYS A 182 14.34 -7.38 15.98
N PRO A 183 15.40 -6.54 15.88
CA PRO A 183 15.54 -5.44 16.83
C PRO A 183 14.64 -4.25 16.48
N ASP A 184 13.91 -3.73 17.49
CA ASP A 184 12.98 -2.62 17.35
C ASP A 184 11.74 -2.95 16.54
N PHE A 185 11.31 -4.22 16.57
CA PHE A 185 10.14 -4.67 15.84
C PHE A 185 9.36 -5.73 16.60
N VAL A 186 8.05 -5.51 16.81
CA VAL A 186 7.19 -6.53 17.39
C VAL A 186 6.35 -6.96 16.20
N GLY A 187 6.78 -8.02 15.52
CA GLY A 187 6.12 -8.44 14.30
C GLY A 187 6.44 -7.43 13.21
N ILE A 188 5.41 -6.85 12.59
CA ILE A 188 5.63 -5.80 11.58
C ILE A 188 5.52 -4.36 12.15
N ILE A 189 5.30 -4.22 13.46
CA ILE A 189 5.20 -2.92 14.09
C ILE A 189 6.55 -2.50 14.58
N CYS A 190 7.12 -1.45 13.99
CA CYS A 190 8.40 -0.92 14.45
C CYS A 190 8.12 -0.15 15.73
N THR A 191 8.84 -0.47 16.81
CA THR A 191 8.62 0.19 18.11
C THR A 191 9.18 1.61 18.16
N ARG A 192 10.17 1.94 17.31
CA ARG A 192 10.73 3.28 17.30
C ARG A 192 11.09 3.75 15.89
N LEU A 193 10.05 3.87 15.04
CA LEU A 193 10.17 4.27 13.64
C LEU A 193 10.51 5.73 13.53
N SER A 194 11.50 6.04 12.70
CA SER A 194 11.90 7.40 12.42
C SER A 194 11.39 7.77 11.05
N PRO A 195 10.37 8.63 10.94
CA PRO A 195 9.90 9.04 9.60
C PRO A 195 11.01 9.63 8.71
N LYS A 196 11.97 10.38 9.29
CA LYS A 196 13.08 10.92 8.51
C LYS A 196 13.90 9.79 7.86
N LYS A 197 14.19 8.75 8.64
CA LYS A 197 14.95 7.59 8.18
C LYS A 197 14.22 6.77 7.12
N ILE A 198 12.91 6.55 7.26
CA ILE A 198 12.16 5.78 6.26
C ILE A 198 12.04 6.60 4.96
N ILE A 199 11.85 7.94 5.06
CA ILE A 199 11.80 8.81 3.89
C ILE A 199 13.14 8.78 3.17
N GLU A 200 14.24 8.89 3.92
CA GLU A 200 15.58 8.86 3.35
C GLU A 200 15.85 7.61 2.52
N LYS A 201 15.40 6.44 3.00
CA LYS A 201 15.54 5.15 2.33
C LYS A 201 14.86 5.17 0.96
N TRP A 202 13.65 5.74 0.88
CA TRP A 202 12.92 5.79 -0.39
C TRP A 202 13.32 6.94 -1.30
N VAL A 203 13.96 7.98 -0.74
CA VAL A 203 14.45 9.10 -1.54
C VAL A 203 15.62 8.57 -2.40
N ASP A 204 16.55 7.81 -1.77
CA ASP A 204 17.69 7.21 -2.44
C ASP A 204 17.23 6.22 -3.52
N PHE A 205 16.13 5.50 -3.28
CA PHE A 205 15.58 4.56 -4.23
C PHE A 205 15.01 5.31 -5.45
N ALA A 206 14.15 6.32 -5.22
CA ALA A 206 13.52 7.09 -6.29
C ALA A 206 14.55 7.90 -7.08
N ARG A 207 15.59 8.43 -6.41
CA ARG A 207 16.65 9.19 -7.10
C ARG A 207 17.44 8.34 -8.06
N ARG A 208 17.55 7.02 -7.80
CA ARG A 208 18.24 6.05 -8.65
C ARG A 208 17.41 5.84 -9.92
N LEU A 209 16.07 5.58 -9.77
CA LEU A 209 15.17 5.39 -10.91
C LEU A 209 15.17 6.65 -11.78
N CYS A 210 15.12 7.83 -11.12
CA CYS A 210 15.14 9.14 -11.73
C CYS A 210 16.43 9.34 -12.51
N GLU A 211 17.58 9.06 -11.88
CA GLU A 211 18.90 9.21 -12.49
C GLU A 211 19.07 8.28 -13.68
N HIS A 212 18.46 7.09 -13.67
CA HIS A 212 18.56 6.17 -14.80
C HIS A 212 17.75 6.66 -16.01
N LYS A 213 16.60 7.29 -15.75
CA LYS A 213 15.70 7.78 -16.78
C LYS A 213 16.09 9.14 -17.35
N TYR A 214 16.56 10.07 -16.51
CA TYR A 214 16.84 11.42 -16.94
C TYR A 214 18.29 11.89 -16.83
N GLY A 215 19.14 11.11 -16.18
CA GLY A 215 20.54 11.50 -15.99
C GLY A 215 20.80 12.32 -14.73
N ASN A 216 19.74 12.82 -14.10
CA ASN A 216 19.81 13.56 -12.86
C ASN A 216 18.50 13.33 -12.08
N ALA A 217 18.48 13.74 -10.81
CA ALA A 217 17.34 13.67 -9.92
C ALA A 217 17.34 14.89 -8.99
N PRO A 218 16.17 15.45 -8.67
CA PRO A 218 16.15 16.58 -7.73
C PRO A 218 16.64 16.14 -6.35
N ARG A 219 17.39 17.00 -5.67
CA ARG A 219 17.80 16.71 -4.30
C ARG A 219 16.57 16.86 -3.41
N VAL A 220 16.55 16.13 -2.29
CA VAL A 220 15.42 16.21 -1.38
C VAL A 220 15.82 16.79 -0.05
N ARG A 221 15.08 17.81 0.42
CA ARG A 221 15.36 18.41 1.71
C ARG A 221 14.26 18.05 2.64
N ILE A 222 14.58 17.43 3.76
CA ILE A 222 13.59 17.07 4.76
C ILE A 222 13.62 18.02 5.96
N ASN A 223 12.50 18.68 6.23
CA ASN A 223 12.39 19.56 7.38
C ASN A 223 11.21 19.14 8.30
N GLY A 224 10.95 19.92 9.34
CA GLY A 224 9.89 19.62 10.28
C GLY A 224 10.41 18.80 11.44
N HIS A 225 9.59 17.87 11.96
CA HIS A 225 9.95 17.00 13.07
C HIS A 225 10.84 15.86 12.61
N VAL A 226 12.05 16.21 12.19
CA VAL A 226 13.06 15.29 11.68
C VAL A 226 13.63 14.35 12.75
N ALA A 227 13.44 14.66 14.04
CA ALA A 227 13.92 13.77 15.10
C ALA A 227 12.80 12.89 15.72
N ALA A 228 11.57 12.95 15.17
CA ALA A 228 10.48 12.14 15.71
C ALA A 228 10.78 10.64 15.63
N ARG A 229 10.33 9.92 16.64
CA ARG A 229 10.52 8.47 16.79
C ARG A 229 9.29 7.96 17.52
N PHE A 230 8.60 6.97 16.94
CA PHE A 230 7.35 6.48 17.52
C PHE A 230 6.97 5.11 16.94
N PRO A 231 6.06 4.35 17.60
CA PRO A 231 5.62 3.07 17.03
C PRO A 231 4.76 3.25 15.80
N PHE A 232 5.14 2.55 14.72
CA PHE A 232 4.41 2.64 13.47
C PHE A 232 4.63 1.41 12.60
N ILE A 233 3.67 1.14 11.70
CA ILE A 233 3.82 0.06 10.73
C ILE A 233 4.42 0.67 9.45
N PRO A 234 5.64 0.24 9.10
CA PRO A 234 6.28 0.78 7.91
C PRO A 234 5.65 0.35 6.58
N MET A 235 5.22 -0.92 6.44
CA MET A 235 4.62 -1.45 5.21
C MET A 235 3.75 -0.45 4.37
N PRO A 236 2.69 0.23 4.89
CA PRO A 236 1.97 1.22 4.07
C PRO A 236 2.89 2.31 3.49
N LEU A 237 3.74 2.93 4.34
CA LEU A 237 4.72 3.95 3.96
C LEU A 237 5.66 3.42 2.88
N ASP A 238 6.08 2.15 3.00
CA ASP A 238 6.95 1.47 2.05
C ASP A 238 6.36 1.38 0.63
N TYR A 239 5.03 1.61 0.45
CA TYR A 239 4.45 1.63 -0.88
C TYR A 239 4.18 3.07 -1.28
N ILE A 240 3.49 3.81 -0.40
CA ILE A 240 3.09 5.18 -0.66
C ILE A 240 4.27 6.13 -0.94
N LEU A 241 5.29 6.16 -0.06
CA LEU A 241 6.47 7.03 -0.21
C LEU A 241 7.18 6.85 -1.55
N PRO A 242 7.63 5.64 -1.97
CA PRO A 242 8.30 5.55 -3.29
C PRO A 242 7.41 6.04 -4.44
N GLU A 243 6.09 5.84 -4.36
CA GLU A 243 5.20 6.32 -5.43
C GLU A 243 5.13 7.83 -5.47
N LEU A 244 4.93 8.46 -4.31
CA LEU A 244 4.83 9.92 -4.23
C LEU A 244 6.14 10.57 -4.61
N LEU A 245 7.26 10.01 -4.17
CA LEU A 245 8.60 10.51 -4.51
C LEU A 245 8.90 10.37 -6.00
N LYS A 246 8.43 9.29 -6.63
CA LYS A 246 8.59 9.10 -8.07
C LYS A 246 7.82 10.18 -8.80
N ASN A 247 6.58 10.47 -8.38
CA ASN A 247 5.73 11.49 -9.00
C ASN A 247 6.32 12.89 -8.90
N ALA A 248 6.88 13.23 -7.74
CA ALA A 248 7.46 14.54 -7.52
C ALA A 248 8.72 14.74 -8.35
N MET A 249 9.54 13.68 -8.46
CA MET A 249 10.78 13.74 -9.23
C MET A 249 10.53 13.68 -10.73
N ARG A 250 9.51 12.94 -11.17
CA ARG A 250 9.16 12.85 -12.59
C ARG A 250 8.65 14.22 -13.05
N ALA A 251 7.72 14.84 -12.27
CA ALA A 251 7.16 16.15 -12.56
C ALA A 251 8.24 17.21 -12.69
N THR A 252 9.23 17.23 -11.76
CA THR A 252 10.35 18.19 -11.79
C THR A 252 11.14 18.04 -13.08
N MET A 253 11.51 16.80 -13.43
CA MET A 253 12.26 16.54 -14.62
C MET A 253 11.51 16.90 -15.89
N GLU A 254 10.21 16.58 -15.96
CA GLU A 254 9.40 16.87 -17.13
C GLU A 254 9.15 18.36 -17.37
N SER A 255 9.23 19.17 -16.31
CA SER A 255 9.07 20.62 -16.44
C SER A 255 10.40 21.37 -16.53
N HIS A 256 11.54 20.67 -16.68
CA HIS A 256 12.84 21.30 -16.73
C HIS A 256 13.71 20.62 -17.79
N LEU A 257 13.14 20.35 -18.97
CA LEU A 257 13.86 19.74 -20.07
C LEU A 257 15.02 20.63 -20.57
N ASP A 258 14.91 21.94 -20.35
CA ASP A 258 15.85 23.02 -20.65
C ASP A 258 17.19 22.80 -19.89
N THR A 259 17.12 22.58 -18.57
CA THR A 259 18.29 22.35 -17.72
C THR A 259 18.13 21.04 -16.93
N PRO A 260 18.42 19.88 -17.57
CA PRO A 260 18.25 18.60 -16.85
C PRO A 260 19.22 18.40 -15.68
N TYR A 261 20.39 19.02 -15.80
CA TYR A 261 21.50 19.04 -14.85
C TYR A 261 21.29 19.99 -13.66
N ASN A 262 20.22 20.78 -13.66
CA ASN A 262 19.99 21.74 -12.59
C ASN A 262 18.49 21.92 -12.44
N VAL A 263 17.92 21.13 -11.51
CA VAL A 263 16.50 21.12 -11.23
C VAL A 263 16.24 21.47 -9.76
N PRO A 264 15.11 22.13 -9.47
CA PRO A 264 14.81 22.51 -8.07
C PRO A 264 14.50 21.33 -7.15
N ASP A 265 14.87 21.48 -5.89
CA ASP A 265 14.67 20.48 -4.85
C ASP A 265 13.23 20.12 -4.63
N VAL A 266 13.03 18.91 -4.11
CA VAL A 266 11.76 18.42 -3.63
C VAL A 266 11.88 18.65 -2.12
N VAL A 267 10.90 19.30 -1.51
CA VAL A 267 10.95 19.56 -0.07
C VAL A 267 9.95 18.70 0.64
N ILE A 268 10.40 17.94 1.64
CA ILE A 268 9.50 17.12 2.43
C ILE A 268 9.43 17.68 3.84
N THR A 269 8.22 17.92 4.35
CA THR A 269 8.05 18.42 5.70
C THR A 269 7.35 17.36 6.57
N ILE A 270 7.95 17.01 7.74
CA ILE A 270 7.34 16.04 8.65
C ILE A 270 6.61 16.77 9.80
N ALA A 271 5.34 16.46 10.03
CA ALA A 271 4.59 17.04 11.16
C ALA A 271 4.01 15.91 12.02
N ASN A 272 4.62 15.69 13.16
CA ASN A 272 4.21 14.65 14.09
C ASN A 272 3.40 15.25 15.26
N ASN A 273 2.25 14.67 15.56
CA ASN A 273 1.39 15.08 16.68
C ASN A 273 0.67 13.84 17.28
N ASP A 274 -0.15 14.03 18.34
CA ASP A 274 -0.82 12.92 19.01
C ASP A 274 -1.82 12.19 18.15
N VAL A 275 -2.42 12.88 17.17
CA VAL A 275 -3.46 12.25 16.34
C VAL A 275 -2.92 11.52 15.12
N ASP A 276 -2.08 12.20 14.33
CA ASP A 276 -1.55 11.62 13.10
C ASP A 276 -0.13 12.08 12.75
N LEU A 277 0.46 11.46 11.71
CA LEU A 277 1.75 11.81 11.14
C LEU A 277 1.42 12.45 9.78
N ILE A 278 1.88 13.68 9.55
CA ILE A 278 1.69 14.34 8.25
C ILE A 278 3.03 14.44 7.53
N ILE A 279 3.08 14.01 6.27
CA ILE A 279 4.31 14.13 5.48
C ILE A 279 3.92 14.87 4.24
N ARG A 280 4.33 16.13 4.10
CA ARG A 280 4.01 16.91 2.91
C ARG A 280 5.17 16.82 1.89
N ILE A 281 4.88 16.59 0.61
CA ILE A 281 5.90 16.51 -0.42
C ILE A 281 5.64 17.60 -1.42
N SER A 282 6.54 18.57 -1.51
CA SER A 282 6.38 19.68 -2.44
C SER A 282 7.36 19.61 -3.59
N ASP A 283 6.85 19.83 -4.79
CA ASP A 283 7.67 19.89 -5.97
C ASP A 283 7.45 21.22 -6.69
N ARG A 284 8.41 21.60 -7.53
CA ARG A 284 8.32 22.77 -8.36
C ARG A 284 8.24 22.24 -9.80
N GLY A 285 7.27 21.38 -10.05
CA GLY A 285 7.11 20.68 -11.32
C GLY A 285 6.05 21.16 -12.29
N GLY A 286 5.54 22.38 -12.08
CA GLY A 286 4.53 22.96 -12.95
C GLY A 286 3.09 22.74 -12.50
N GLY A 287 2.88 21.75 -11.63
CA GLY A 287 1.55 21.47 -11.12
C GLY A 287 0.66 20.66 -12.05
N ILE A 288 -0.31 19.96 -11.49
CA ILE A 288 -1.27 19.21 -12.27
C ILE A 288 -2.21 20.21 -12.92
N ALA A 289 -2.35 20.17 -14.26
CA ALA A 289 -3.22 21.10 -15.00
C ALA A 289 -4.69 21.00 -14.58
N HIS A 290 -5.42 22.10 -14.71
CA HIS A 290 -6.83 22.17 -14.35
C HIS A 290 -7.68 21.08 -15.02
N LYS A 291 -7.42 20.77 -16.31
CA LYS A 291 -8.16 19.73 -17.03
C LYS A 291 -7.81 18.29 -16.61
N ASP A 292 -6.66 18.10 -15.92
CA ASP A 292 -6.19 16.79 -15.46
C ASP A 292 -6.44 16.57 -13.96
N LEU A 293 -7.01 17.54 -13.24
CA LEU A 293 -7.21 17.46 -11.80
C LEU A 293 -8.03 16.27 -11.31
N ASP A 294 -9.07 15.90 -12.07
CA ASP A 294 -9.88 14.73 -11.70
C ASP A 294 -9.20 13.43 -12.10
N ARG A 295 -8.70 13.37 -13.34
CA ARG A 295 -8.01 12.21 -13.91
C ARG A 295 -6.83 11.68 -13.08
N VAL A 296 -6.07 12.54 -12.36
CA VAL A 296 -4.89 12.06 -11.59
C VAL A 296 -5.24 11.06 -10.48
N MET A 297 -6.40 11.21 -9.85
CA MET A 297 -6.80 10.31 -8.77
C MET A 297 -7.56 9.05 -9.22
N ASP A 298 -7.73 8.87 -10.54
CA ASP A 298 -8.39 7.69 -11.09
C ASP A 298 -7.34 6.66 -11.55
N TYR A 299 -7.77 5.42 -11.82
CA TYR A 299 -6.85 4.38 -12.28
C TYR A 299 -6.71 4.47 -13.78
N HIS A 300 -5.47 4.43 -14.28
CA HIS A 300 -5.22 4.57 -15.71
C HIS A 300 -4.74 3.30 -16.36
N PHE A 301 -5.28 3.01 -17.55
CA PHE A 301 -4.97 1.81 -18.31
C PHE A 301 -4.43 2.16 -19.71
N PHE A 334 0.96 1.71 -16.05
CA PHE A 334 -0.39 2.02 -15.56
C PHE A 334 -0.30 3.11 -14.46
N GLY A 335 -1.11 4.17 -14.58
CA GLY A 335 -1.15 5.25 -13.60
C GLY A 335 -1.89 4.83 -12.34
N PHE A 336 -1.20 4.03 -11.49
CA PHE A 336 -1.79 3.45 -10.28
C PHE A 336 -1.27 4.02 -8.97
N GLY A 337 -0.09 4.64 -9.00
CA GLY A 337 0.53 5.20 -7.82
C GLY A 337 -0.35 6.10 -6.96
N LEU A 338 -0.89 7.21 -7.53
CA LEU A 338 -1.73 8.14 -6.77
C LEU A 338 -3.03 7.56 -6.23
N PRO A 339 -3.90 6.88 -7.05
CA PRO A 339 -5.14 6.32 -6.50
C PRO A 339 -4.99 5.18 -5.48
N THR A 340 -4.00 4.30 -5.66
CA THR A 340 -3.76 3.22 -4.70
C THR A 340 -3.25 3.81 -3.39
N SER A 341 -2.37 4.83 -3.44
CA SER A 341 -1.86 5.51 -2.25
C SER A 341 -2.98 6.16 -1.46
N ARG A 342 -3.97 6.77 -2.15
CA ARG A 342 -5.09 7.40 -1.46
C ARG A 342 -6.02 6.37 -0.84
N ALA A 343 -6.16 5.20 -1.47
CA ALA A 343 -7.00 4.12 -0.95
C ALA A 343 -6.35 3.56 0.31
N TYR A 344 -5.04 3.32 0.26
CA TYR A 344 -4.22 2.84 1.37
C TYR A 344 -4.33 3.80 2.54
N ALA A 345 -4.15 5.11 2.29
CA ALA A 345 -4.20 6.13 3.33
C ALA A 345 -5.57 6.15 3.99
N GLU A 346 -6.65 6.12 3.21
CA GLU A 346 -8.01 6.14 3.76
C GLU A 346 -8.37 4.89 4.52
N TYR A 347 -7.88 3.75 4.05
CA TYR A 347 -8.09 2.44 4.67
C TYR A 347 -7.56 2.39 6.12
N LEU A 348 -6.40 3.04 6.35
CA LEU A 348 -5.72 3.08 7.63
C LEU A 348 -6.07 4.34 8.45
N GLY A 349 -7.24 4.91 8.23
CA GLY A 349 -7.68 6.07 8.99
C GLY A 349 -7.12 7.43 8.60
N GLY A 350 -6.30 7.48 7.56
CA GLY A 350 -5.72 8.72 7.10
C GLY A 350 -6.30 9.28 5.82
N SER A 351 -5.53 10.11 5.13
CA SER A 351 -5.96 10.75 3.90
C SER A 351 -4.76 11.05 2.97
N LEU A 352 -5.05 11.40 1.72
CA LEU A 352 -4.04 11.81 0.74
C LEU A 352 -4.67 12.95 -0.04
N GLN A 353 -4.21 14.18 0.21
CA GLN A 353 -4.72 15.39 -0.42
C GLN A 353 -3.69 16.06 -1.31
N LEU A 354 -4.16 16.69 -2.36
CA LEU A 354 -3.34 17.32 -3.38
C LEU A 354 -3.66 18.82 -3.47
N GLN A 355 -2.63 19.65 -3.59
CA GLN A 355 -2.81 21.09 -3.73
C GLN A 355 -1.96 21.55 -4.88
N SER A 356 -2.60 21.82 -6.04
CA SER A 356 -1.89 22.20 -7.24
C SER A 356 -1.80 23.72 -7.51
N LEU A 357 -0.57 24.18 -7.68
CA LEU A 357 -0.29 25.57 -8.00
C LEU A 357 0.15 25.52 -9.46
N GLN A 358 -0.80 25.47 -10.40
CA GLN A 358 -0.51 25.38 -11.82
C GLN A 358 0.42 26.51 -12.25
N GLY A 359 1.49 26.15 -12.93
CA GLY A 359 2.54 27.09 -13.32
C GLY A 359 3.76 27.02 -12.42
N ILE A 360 3.58 26.53 -11.17
CA ILE A 360 4.63 26.45 -10.16
C ILE A 360 4.93 25.01 -9.70
N GLY A 361 3.94 24.29 -9.15
CA GLY A 361 4.18 22.95 -8.65
C GLY A 361 3.00 22.33 -7.93
N THR A 362 3.23 21.24 -7.19
CA THR A 362 2.19 20.51 -6.47
C THR A 362 2.63 20.21 -5.04
N ASP A 363 1.72 20.32 -4.09
CA ASP A 363 1.96 19.97 -2.69
C ASP A 363 1.05 18.79 -2.35
N VAL A 364 1.63 17.66 -1.93
CA VAL A 364 0.91 16.44 -1.63
C VAL A 364 0.95 16.19 -0.13
N TYR A 365 -0.23 16.07 0.48
CA TYR A 365 -0.34 15.89 1.92
C TYR A 365 -0.80 14.50 2.27
N LEU A 366 0.11 13.70 2.88
CA LEU A 366 -0.15 12.35 3.34
C LEU A 366 -0.35 12.36 4.86
N ARG A 367 -1.55 12.00 5.33
CA ARG A 367 -1.83 11.92 6.76
C ARG A 367 -2.12 10.47 7.12
N LEU A 368 -1.54 9.99 8.22
CA LEU A 368 -1.74 8.62 8.66
C LEU A 368 -1.91 8.62 10.17
N ARG A 369 -3.00 8.00 10.65
CA ARG A 369 -3.32 7.89 12.08
C ARG A 369 -2.25 7.14 12.85
N HIS A 370 -1.98 7.55 14.08
CA HIS A 370 -1.01 6.86 14.92
C HIS A 370 -1.57 5.54 15.51
N ILE A 371 -0.68 4.70 16.06
CA ILE A 371 -1.00 3.44 16.70
C ILE A 371 -1.49 3.71 18.14
N ASP A 372 -2.43 2.88 18.64
CA ASP A 372 -2.99 2.98 19.98
C ASP A 372 -1.94 2.83 21.12
#